data_1MFU
#
_entry.id   1MFU
#
_cell.length_a   52.074
_cell.length_b   73.815
_cell.length_c   135.787
_cell.angle_alpha   90.00
_cell.angle_beta   90.00
_cell.angle_gamma   90.00
#
_symmetry.space_group_name_H-M   'P 21 21 21'
#
loop_
_entity.id
_entity.type
_entity.pdbx_description
1 polymer 'alpha-amylase, Salivary'
2 branched 4-amino-4,6-dideoxy-alpha-D-glucopyranose-(1-4)-alpha-D-glucopyranose
3 branched 4-amino-4,6-dideoxy-alpha-D-glucopyranose-(1-4)-alpha-D-glucopyranose-(1-4)-alpha-D-glucopyranose
4 branched alpha-D-glucopyranose-(1-4)-alpha-D-glucopyranose
5 non-polymer 5-HYDROXYMETHYL-CHONDURITOL
6 non-polymer alpha-D-glucopyranose
7 non-polymer 'CALCIUM ION'
8 non-polymer 'CHLORIDE ION'
9 water water
#
_entity_poly.entity_id   1
_entity_poly.type   'polypeptide(L)'
_entity_poly.pdbx_seq_one_letter_code
;(PCA)YSSNTQQGRTSIVHLFEWRWVDIALECERYLAPKGFGGVQVSPPNENVAIHNPFRPWWERYQPVSYKLCTRSGNE
DEFRNMVTRCNNVGVRIYVDAVINHMCGNAVSAGTSSTCGSYFNPGSRDFPAVPYSGWDFNDGKCKTGSGDIENYNDATQ
VRDCRLSGLLDLALGKDYVRSKIAEYMNHLIDIGVAGFRIDASKHMWPGDIKAILDKLHNLNSNWFPEGSKPFIYQEVID
LGGEPIKSSDYFGNGRVTEFKYGAKLGTVIRKWNGEKMSYLKNWGEGWGFMPSDRALVFVDNHDNQRGHSILTFWDARLY
KMAVGFMLAHPYGFTRVMSSYRWPRYFENGKDVNDWVGPPNDNGVTKEVTINPDTTCGNDWVCEHRWRQIRNMVNFRNVV
DGQPFTNWYDNGSNQVAFGRGNRGFIVFNNDDWTFSLTLQTGLPAGTYCDVISGDKINGNCTGIKIYVSDDGKAHFSISN
SAEDPFIAIHAESKL
;
_entity_poly.pdbx_strand_id   A
#
# COMPACT_ATOMS: atom_id res chain seq x y z
N TYR A 2 10.44 -8.06 10.13
CA TYR A 2 10.18 -8.52 8.77
C TYR A 2 8.86 -9.28 8.59
N SER A 3 8.32 -9.79 9.70
CA SER A 3 7.10 -10.59 9.71
C SER A 3 5.89 -9.66 9.81
N SER A 4 4.90 -9.87 8.93
CA SER A 4 3.75 -8.97 8.84
C SER A 4 2.88 -9.01 10.08
N ASN A 5 2.96 -10.12 10.81
CA ASN A 5 2.09 -10.39 11.96
C ASN A 5 0.61 -10.61 11.60
N THR A 6 0.33 -10.90 10.32
CA THR A 6 -1.02 -11.25 9.93
C THR A 6 -1.35 -12.63 10.47
N GLN A 7 -2.65 -12.90 10.60
CA GLN A 7 -3.13 -14.27 10.79
C GLN A 7 -2.54 -15.20 9.75
N GLN A 8 -2.25 -16.44 10.14
CA GLN A 8 -1.77 -17.45 9.19
C GLN A 8 -2.80 -17.60 8.06
N GLY A 9 -2.33 -17.73 6.83
CA GLY A 9 -3.23 -17.80 5.69
C GLY A 9 -3.86 -16.48 5.22
N ARG A 10 -3.29 -15.34 5.64
CA ARG A 10 -3.73 -14.05 5.15
C ARG A 10 -2.49 -13.29 4.71
N THR A 11 -2.46 -12.86 3.46
CA THR A 11 -1.19 -12.52 2.84
C THR A 11 -1.07 -11.11 2.26
N SER A 12 -2.11 -10.28 2.40
CA SER A 12 -2.08 -8.92 1.83
C SER A 12 -2.52 -7.86 2.83
N ILE A 13 -2.03 -6.65 2.63
CA ILE A 13 -2.54 -5.47 3.31
C ILE A 13 -3.29 -4.63 2.27
N VAL A 14 -4.34 -3.94 2.69
CA VAL A 14 -5.00 -2.98 1.80
C VAL A 14 -4.84 -1.58 2.38
N HIS A 15 -4.48 -0.60 1.54
CA HIS A 15 -4.39 0.81 1.99
C HIS A 15 -5.76 1.43 1.88
N LEU A 16 -6.43 1.66 2.99
CA LEU A 16 -7.74 2.34 2.97
C LEU A 16 -7.53 3.84 3.15
N PHE A 17 -7.01 4.43 2.07
CA PHE A 17 -6.48 5.78 2.01
C PHE A 17 -7.58 6.77 2.38
N GLU A 18 -7.34 7.53 3.47
CA GLU A 18 -8.23 8.62 3.95
C GLU A 18 -9.56 8.13 4.54
N TRP A 19 -9.73 6.82 4.63
CA TRP A 19 -10.96 6.27 5.24
C TRP A 19 -11.05 6.64 6.73
N ARG A 20 -12.27 6.90 7.21
CA ARG A 20 -12.53 7.17 8.62
C ARG A 20 -12.42 5.89 9.44
N TRP A 21 -12.00 6.04 10.69
CA TRP A 21 -11.82 4.90 11.58
C TRP A 21 -13.10 4.07 11.72
N VAL A 22 -14.26 4.72 11.79
CA VAL A 22 -15.53 3.98 11.96
C VAL A 22 -15.83 3.10 10.74
N ASP A 23 -15.52 3.60 9.56
CA ASP A 23 -15.71 2.87 8.31
C ASP A 23 -14.73 1.72 8.25
N ILE A 24 -13.49 1.93 8.66
CA ILE A 24 -12.53 0.83 8.66
C ILE A 24 -12.98 -0.29 9.63
N ALA A 25 -13.42 0.12 10.83
CA ALA A 25 -13.88 -0.86 11.83
C ALA A 25 -14.97 -1.73 11.22
N LEU A 26 -15.97 -1.12 10.59
CA LEU A 26 -17.07 -1.86 9.94
C LEU A 26 -16.57 -2.74 8.77
N GLU A 27 -15.71 -2.19 7.92
CA GLU A 27 -15.08 -2.92 6.81
C GLU A 27 -14.36 -4.20 7.26
N CYS A 28 -13.63 -4.13 8.37
CA CYS A 28 -12.98 -5.31 8.97
C CYS A 28 -13.96 -6.43 9.21
N GLU A 29 -15.09 -6.10 9.84
CA GLU A 29 -16.08 -7.06 10.25
C GLU A 29 -16.91 -7.60 9.09
N ARG A 30 -17.36 -6.70 8.24
CA ARG A 30 -18.30 -7.08 7.19
C ARG A 30 -17.62 -7.58 5.91
N TYR A 31 -16.31 -7.38 5.77
CA TYR A 31 -15.71 -7.64 4.47
C TYR A 31 -14.31 -8.19 4.54
N LEU A 32 -13.41 -7.47 5.20
CA LEU A 32 -12.00 -7.83 5.16
C LEU A 32 -11.75 -9.19 5.84
N ALA A 33 -12.37 -9.43 7.01
CA ALA A 33 -12.22 -10.72 7.70
C ALA A 33 -12.72 -11.89 6.84
N PRO A 34 -13.98 -11.89 6.43
CA PRO A 34 -14.48 -13.01 5.63
C PRO A 34 -13.82 -13.13 4.26
N LYS A 35 -13.31 -12.03 3.69
CA LYS A 35 -12.60 -12.15 2.41
C LYS A 35 -11.09 -12.45 2.56
N GLY A 36 -10.64 -12.71 3.78
CA GLY A 36 -9.25 -13.13 4.00
C GLY A 36 -8.15 -12.10 3.81
N PHE A 37 -8.48 -10.80 3.93
CA PHE A 37 -7.48 -9.72 3.93
C PHE A 37 -6.63 -9.76 5.21
N GLY A 38 -5.32 -9.59 5.08
CA GLY A 38 -4.41 -9.63 6.24
C GLY A 38 -4.47 -8.41 7.15
N GLY A 39 -4.65 -7.24 6.56
CA GLY A 39 -4.59 -6.00 7.31
C GLY A 39 -4.84 -4.78 6.46
N VAL A 40 -4.78 -3.64 7.14
CA VAL A 40 -5.15 -2.33 6.61
C VAL A 40 -4.06 -1.31 6.92
N GLN A 41 -3.57 -0.65 5.88
CA GLN A 41 -2.71 0.52 6.10
C GLN A 41 -3.60 1.74 6.22
N VAL A 42 -3.49 2.47 7.34
CA VAL A 42 -4.34 3.61 7.61
C VAL A 42 -3.57 4.87 7.31
N SER A 43 -4.29 5.93 6.97
CA SER A 43 -3.68 7.25 6.83
C SER A 43 -3.11 7.69 8.20
N PRO A 44 -2.16 8.64 8.23
CA PRO A 44 -1.55 9.06 9.49
C PRO A 44 -2.61 9.39 10.55
N PRO A 45 -2.58 8.73 11.73
CA PRO A 45 -3.61 8.95 12.76
C PRO A 45 -3.35 10.15 13.69
N ASN A 46 -2.20 10.82 13.50
CA ASN A 46 -1.78 11.92 14.37
C ASN A 46 -2.19 13.26 13.80
N GLU A 47 -2.38 14.22 14.72
CA GLU A 47 -2.86 15.55 14.38
C GLU A 47 -2.00 16.24 13.33
N ASN A 48 -2.67 16.88 12.37
CA ASN A 48 -1.94 17.54 11.30
C ASN A 48 -2.45 18.98 11.09
N VAL A 49 -1.80 19.69 10.19
CA VAL A 49 -2.23 21.05 9.83
C VAL A 49 -3.54 20.98 9.00
N ALA A 50 -4.54 21.76 9.39
CA ALA A 50 -5.72 21.96 8.55
C ALA A 50 -5.33 23.04 7.55
N ILE A 51 -5.17 22.64 6.28
CA ILE A 51 -4.72 23.51 5.22
C ILE A 51 -5.94 23.94 4.41
N HIS A 52 -6.13 25.25 4.25
CA HIS A 52 -7.34 25.70 3.57
C HIS A 52 -7.13 26.20 2.14
N ASN A 53 -5.86 26.42 1.79
CA ASN A 53 -5.46 26.68 0.40
C ASN A 53 -4.39 25.68 -0.03
N PRO A 54 -4.72 24.74 -0.92
CA PRO A 54 -6.09 24.55 -1.43
C PRO A 54 -6.95 23.85 -0.37
N PHE A 55 -8.19 23.51 -0.72
CA PHE A 55 -9.15 23.11 0.29
C PHE A 55 -8.96 21.69 0.80
N ARG A 56 -8.33 21.56 1.96
CA ARG A 56 -8.20 20.26 2.65
C ARG A 56 -7.58 19.14 1.77
N PRO A 57 -6.37 19.39 1.27
CA PRO A 57 -5.70 18.46 0.36
C PRO A 57 -5.37 17.17 1.11
N TRP A 58 -5.27 16.06 0.38
CA TRP A 58 -4.86 14.82 1.04
C TRP A 58 -3.51 15.03 1.70
N TRP A 59 -2.67 15.85 1.08
CA TRP A 59 -1.30 15.97 1.61
C TRP A 59 -1.13 16.78 2.91
N GLU A 60 -2.20 17.40 3.40
CA GLU A 60 -2.17 18.05 4.73
C GLU A 60 -1.83 17.04 5.86
N ARG A 61 -2.25 15.78 5.69
CA ARG A 61 -1.94 14.72 6.66
C ARG A 61 -0.47 14.34 6.78
N TYR A 62 0.36 14.84 5.86
CA TYR A 62 1.80 14.62 5.93
C TYR A 62 2.52 15.84 6.54
N GLN A 63 1.76 16.71 7.20
CA GLN A 63 2.33 17.84 7.97
C GLN A 63 1.85 17.82 9.43
N PRO A 64 2.57 17.07 10.27
CA PRO A 64 2.19 16.88 11.67
C PRO A 64 2.21 18.19 12.51
N VAL A 65 1.29 18.23 13.47
CA VAL A 65 1.20 19.29 14.48
C VAL A 65 1.46 18.72 15.89
N SER A 66 1.03 17.49 16.10
CA SER A 66 1.34 16.76 17.34
C SER A 66 1.19 15.26 17.16
N TYR A 67 1.27 14.51 18.26
CA TYR A 67 1.03 13.07 18.21
C TYR A 67 -0.31 12.69 18.83
N LYS A 68 -1.18 13.69 19.01
CA LYS A 68 -2.56 13.46 19.42
C LYS A 68 -3.29 12.71 18.29
N LEU A 69 -4.08 11.70 18.66
CA LEU A 69 -4.70 10.84 17.66
C LEU A 69 -6.03 11.44 17.29
N CYS A 70 -5.97 12.53 16.52
CA CYS A 70 -7.13 13.36 16.30
C CYS A 70 -7.04 13.96 14.88
N THR A 71 -7.83 13.41 13.96
CA THR A 71 -7.72 13.72 12.53
C THR A 71 -9.08 13.73 11.88
N ARG A 72 -9.11 14.00 10.57
CA ARG A 72 -10.36 13.87 9.82
C ARG A 72 -10.88 12.43 9.79
N SER A 73 -10.00 11.45 10.01
CA SER A 73 -10.44 10.05 10.12
C SER A 73 -11.19 9.77 11.42
N GLY A 74 -10.96 10.62 12.43
CA GLY A 74 -11.61 10.45 13.73
C GLY A 74 -10.73 10.72 14.93
N ASN A 75 -11.26 10.52 16.13
CA ASN A 75 -10.50 10.74 17.36
C ASN A 75 -9.88 9.46 17.95
N GLU A 76 -9.26 9.59 19.13
CA GLU A 76 -8.56 8.46 19.75
C GLU A 76 -9.52 7.35 20.13
N ASP A 77 -10.71 7.70 20.59
CA ASP A 77 -11.72 6.71 20.96
C ASP A 77 -12.08 5.86 19.73
N GLU A 78 -12.29 6.55 18.60
CA GLU A 78 -12.67 5.88 17.35
C GLU A 78 -11.54 5.03 16.82
N PHE A 79 -10.31 5.54 16.96
CA PHE A 79 -9.11 4.81 16.55
C PHE A 79 -8.91 3.53 17.37
N ARG A 80 -9.03 3.65 18.70
CA ARG A 80 -8.98 2.47 19.58
C ARG A 80 -10.05 1.46 19.24
N ASN A 81 -11.27 1.94 19.01
CA ASN A 81 -12.42 1.10 18.64
C ASN A 81 -12.14 0.27 17.36
N MET A 82 -11.64 0.95 16.34
CA MET A 82 -11.24 0.33 15.07
C MET A 82 -10.17 -0.76 15.26
N VAL A 83 -9.07 -0.44 15.94
CA VAL A 83 -7.99 -1.41 16.09
C VAL A 83 -8.50 -2.65 16.84
N THR A 84 -9.26 -2.44 17.91
CA THR A 84 -9.82 -3.54 18.70
C THR A 84 -10.74 -4.40 17.85
N ARG A 85 -11.71 -3.80 17.16
CA ARG A 85 -12.66 -4.57 16.38
C ARG A 85 -11.99 -5.29 15.21
N CYS A 86 -10.98 -4.66 14.62
CA CYS A 86 -10.24 -5.29 13.55
C CYS A 86 -9.42 -6.47 14.09
N ASN A 87 -8.62 -6.27 15.14
CA ASN A 87 -7.85 -7.39 15.70
C ASN A 87 -8.76 -8.57 16.12
N ASN A 88 -9.94 -8.25 16.65
CA ASN A 88 -10.89 -9.26 17.13
C ASN A 88 -11.43 -10.17 16.02
N VAL A 89 -11.37 -9.72 14.77
CA VAL A 89 -11.73 -10.55 13.62
C VAL A 89 -10.51 -10.95 12.77
N GLY A 90 -9.32 -10.86 13.34
CA GLY A 90 -8.10 -11.32 12.67
C GLY A 90 -7.58 -10.42 11.56
N VAL A 91 -7.93 -9.14 11.59
CA VAL A 91 -7.46 -8.19 10.57
C VAL A 91 -6.59 -7.09 11.23
N ARG A 92 -5.37 -6.89 10.72
CA ARG A 92 -4.41 -6.04 11.40
C ARG A 92 -4.44 -4.59 10.94
N ILE A 93 -3.93 -3.70 11.80
CA ILE A 93 -3.78 -2.29 11.42
C ILE A 93 -2.29 -1.89 11.39
N TYR A 94 -1.90 -1.23 10.29
CA TYR A 94 -0.54 -0.75 10.09
C TYR A 94 -0.64 0.75 9.94
N VAL A 95 0.14 1.46 10.76
CA VAL A 95 0.06 2.92 10.79
C VAL A 95 1.11 3.56 9.87
N ASP A 96 0.63 4.54 9.09
CA ASP A 96 1.47 5.47 8.33
C ASP A 96 2.10 6.45 9.33
N ALA A 97 3.36 6.20 9.67
CA ALA A 97 4.15 6.95 10.65
C ALA A 97 4.92 8.11 10.02
N VAL A 98 4.50 9.34 10.31
CA VAL A 98 5.13 10.53 9.73
C VAL A 98 6.01 11.09 10.84
N ILE A 99 7.27 10.70 10.79
CA ILE A 99 8.17 10.96 11.91
C ILE A 99 9.45 11.69 11.46
N ASN A 100 9.62 11.94 10.16
CA ASN A 100 10.79 12.66 9.65
C ASN A 100 10.69 14.16 9.91
N HIS A 101 9.49 14.66 10.11
CA HIS A 101 9.28 16.10 10.04
C HIS A 101 8.02 16.52 10.74
N MET A 102 7.89 17.83 10.96
CA MET A 102 6.64 18.45 11.34
C MET A 102 6.12 19.14 10.08
N CYS A 103 5.44 20.27 10.20
CA CYS A 103 4.74 20.84 9.05
C CYS A 103 5.62 21.77 8.17
N GLY A 104 5.03 22.32 7.12
CA GLY A 104 5.75 23.24 6.23
C GLY A 104 6.27 24.42 7.03
N ASN A 105 7.52 24.83 6.78
CA ASN A 105 8.12 25.94 7.54
C ASN A 105 7.44 27.29 7.35
N ALA A 106 6.70 27.43 6.24
CA ALA A 106 6.04 28.69 5.88
C ALA A 106 4.56 28.72 6.24
N VAL A 107 4.07 27.66 6.91
CA VAL A 107 2.69 27.61 7.38
C VAL A 107 2.49 28.63 8.52
N SER A 108 1.35 29.32 8.51
CA SER A 108 1.02 30.32 9.54
C SER A 108 0.84 29.71 10.93
N ALA A 109 1.36 30.41 11.94
CA ALA A 109 1.10 30.06 13.32
C ALA A 109 -0.38 30.19 13.70
N GLY A 110 -0.80 29.44 14.71
CA GLY A 110 -2.19 29.42 15.14
C GLY A 110 -2.70 28.05 15.52
N THR A 111 -4.01 27.85 15.41
CA THR A 111 -4.64 26.58 15.78
C THR A 111 -5.36 25.97 14.58
N SER A 112 -4.85 26.22 13.38
CA SER A 112 -5.43 25.64 12.17
C SER A 112 -4.89 24.21 12.03
N SER A 113 -5.43 23.34 12.87
CA SER A 113 -4.93 21.98 13.06
C SER A 113 -6.12 21.10 13.38
N THR A 114 -6.01 19.81 13.07
CA THR A 114 -7.20 18.95 13.20
C THR A 114 -7.64 18.68 14.66
N CYS A 115 -6.81 18.98 15.65
CA CYS A 115 -7.30 18.91 17.06
C CYS A 115 -7.27 20.26 17.79
N GLY A 116 -7.00 21.34 17.06
CA GLY A 116 -7.01 22.68 17.61
C GLY A 116 -5.78 23.03 18.43
N SER A 117 -4.74 22.20 18.36
CA SER A 117 -3.46 22.50 18.98
C SER A 117 -2.78 23.72 18.38
N TYR A 118 -2.13 24.52 19.24
CA TYR A 118 -1.35 25.66 18.76
C TYR A 118 -0.01 25.16 18.24
N PHE A 119 0.49 25.81 17.20
CA PHE A 119 1.82 25.52 16.69
C PHE A 119 2.33 26.75 15.97
N ASN A 120 3.63 26.96 16.00
CA ASN A 120 4.22 28.08 15.32
C ASN A 120 5.45 27.64 14.54
N PRO A 121 5.28 27.42 13.23
CA PRO A 121 6.38 26.96 12.37
C PRO A 121 7.59 27.90 12.37
N GLY A 122 7.35 29.19 12.16
CA GLY A 122 8.40 30.20 12.14
C GLY A 122 9.33 30.13 13.33
N SER A 123 8.76 30.01 14.52
CA SER A 123 9.56 29.94 15.74
C SER A 123 9.88 28.49 16.16
N ARG A 124 9.51 27.53 15.31
CA ARG A 124 9.80 26.11 15.53
C ARG A 124 9.15 25.60 16.82
N ASP A 125 7.94 26.11 17.05
CA ASP A 125 7.21 25.90 18.28
C ASP A 125 6.04 24.95 18.11
N PHE A 126 6.14 23.75 18.71
CA PHE A 126 5.06 22.74 18.68
C PHE A 126 4.79 22.25 20.10
N PRO A 127 4.09 23.05 20.90
CA PRO A 127 4.03 22.80 22.34
C PRO A 127 3.12 21.64 22.73
N ALA A 128 2.28 21.14 21.84
CA ALA A 128 1.52 19.92 22.14
C ALA A 128 2.38 18.65 22.16
N VAL A 129 3.61 18.73 21.65
CA VAL A 129 4.49 17.55 21.69
C VAL A 129 5.18 17.30 23.05
N PRO A 130 6.02 18.22 23.57
CA PRO A 130 6.51 19.44 22.91
C PRO A 130 7.83 19.31 22.12
N TYR A 131 7.93 20.12 21.07
CA TYR A 131 9.17 20.34 20.34
C TYR A 131 9.43 21.84 20.38
N SER A 132 10.71 22.22 20.32
CA SER A 132 11.09 23.63 20.22
C SER A 132 12.27 23.70 19.26
N GLY A 133 12.75 24.91 18.97
CA GLY A 133 13.88 25.10 18.07
C GLY A 133 15.01 24.06 18.14
N TRP A 134 15.39 23.63 19.34
CA TRP A 134 16.52 22.69 19.52
C TRP A 134 16.24 21.33 18.86
N ASP A 135 14.96 21.05 18.57
CA ASP A 135 14.51 19.71 18.12
C ASP A 135 14.45 19.57 16.60
N PHE A 136 15.00 20.55 15.89
CA PHE A 136 15.02 20.55 14.43
C PHE A 136 16.44 20.67 13.88
N ASN A 137 16.60 20.37 12.59
CA ASN A 137 17.91 20.29 11.94
C ASN A 137 18.41 21.59 11.27
N ASP A 138 17.78 22.72 11.58
CA ASP A 138 18.17 24.00 10.96
C ASP A 138 19.69 24.21 10.94
N GLY A 139 20.35 23.92 12.07
CA GLY A 139 21.78 24.11 12.18
C GLY A 139 22.67 23.05 11.54
N LYS A 140 22.11 21.87 11.27
CA LYS A 140 22.83 20.72 10.72
C LYS A 140 22.88 20.77 9.20
N CYS A 141 21.79 21.27 8.60
CA CYS A 141 21.65 21.40 7.17
C CYS A 141 22.64 22.41 6.59
N LYS A 142 23.31 22.06 5.50
CA LYS A 142 24.35 22.92 4.91
C LYS A 142 23.97 23.54 3.57
N THR A 143 22.74 23.34 3.11
CA THR A 143 22.28 23.99 1.87
C THR A 143 21.96 25.46 2.13
N GLY A 144 22.05 26.26 1.07
CA GLY A 144 21.71 27.67 1.13
C GLY A 144 20.25 27.93 1.48
N SER A 145 19.34 27.15 0.88
CA SER A 145 17.90 27.32 1.12
C SER A 145 17.42 26.73 2.45
N GLY A 146 18.16 25.77 2.99
CA GLY A 146 17.70 24.99 4.12
C GLY A 146 16.87 23.77 3.70
N ASP A 147 16.54 23.69 2.41
CA ASP A 147 15.74 22.59 1.85
C ASP A 147 16.64 21.60 1.10
N ILE A 148 16.07 20.47 0.72
CA ILE A 148 16.76 19.49 -0.13
C ILE A 148 16.84 20.04 -1.56
N GLU A 149 18.06 20.09 -2.11
CA GLU A 149 18.31 20.71 -3.43
C GLU A 149 18.80 19.67 -4.43
N ASN A 150 19.58 18.72 -3.92
CA ASN A 150 20.23 17.72 -4.74
C ASN A 150 20.20 16.35 -4.05
N TYR A 151 19.54 15.39 -4.72
CA TYR A 151 19.40 14.02 -4.22
C TYR A 151 20.70 13.23 -4.36
N ASN A 152 21.68 13.80 -5.05
CA ASN A 152 22.97 13.15 -5.23
C ASN A 152 23.92 13.38 -4.06
N ASP A 153 23.44 14.12 -3.07
CA ASP A 153 24.15 14.38 -1.83
C ASP A 153 23.36 13.77 -0.68
N ALA A 154 23.75 12.56 -0.27
CA ALA A 154 23.03 11.80 0.74
C ALA A 154 22.85 12.56 2.06
N THR A 155 23.81 13.40 2.42
CA THR A 155 23.73 14.12 3.70
C THR A 155 22.59 15.14 3.79
N GLN A 156 22.47 16.00 2.78
CA GLN A 156 21.37 16.95 2.72
C GLN A 156 20.01 16.27 2.56
N VAL A 157 19.96 15.15 1.83
CA VAL A 157 18.71 14.36 1.73
C VAL A 157 18.20 13.99 3.13
N ARG A 158 19.12 13.75 4.07
CA ARG A 158 18.76 13.41 5.46
C ARG A 158 18.61 14.60 6.42
N ASP A 159 19.44 15.62 6.22
CA ASP A 159 19.55 16.67 7.23
C ASP A 159 18.75 17.94 6.90
N CYS A 160 18.27 18.03 5.66
CA CYS A 160 17.58 19.24 5.18
C CYS A 160 16.07 19.05 4.99
N ARG A 161 15.35 20.16 4.79
CA ARG A 161 13.89 20.14 4.72
C ARG A 161 13.38 19.61 3.37
N LEU A 162 12.63 18.51 3.43
CA LEU A 162 11.98 17.97 2.23
C LEU A 162 10.87 18.92 1.87
N SER A 163 11.02 19.59 0.72
CA SER A 163 10.08 20.62 0.29
C SER A 163 9.67 21.57 1.41
N GLY A 164 10.64 21.98 2.24
CA GLY A 164 10.40 22.95 3.28
C GLY A 164 9.74 22.43 4.54
N LEU A 165 9.50 21.12 4.61
CA LEU A 165 8.96 20.50 5.82
C LEU A 165 9.99 20.49 6.95
N LEU A 166 9.59 20.99 8.11
CA LEU A 166 10.54 21.18 9.21
C LEU A 166 11.12 19.85 9.62
N ASP A 167 12.46 19.76 9.60
CA ASP A 167 13.18 18.51 9.73
C ASP A 167 13.62 18.19 11.15
N LEU A 168 13.00 17.15 11.72
CA LEU A 168 13.25 16.77 13.11
C LEU A 168 14.67 16.23 13.31
N ALA A 169 15.22 16.58 14.46
CA ALA A 169 16.57 16.25 14.85
C ALA A 169 16.58 14.84 15.41
N LEU A 170 16.46 13.84 14.53
CA LEU A 170 16.33 12.44 14.96
C LEU A 170 17.61 11.86 15.61
N GLY A 171 18.68 12.65 15.62
CA GLY A 171 19.91 12.25 16.31
C GLY A 171 19.83 12.47 17.80
N LYS A 172 18.83 13.24 18.25
CA LYS A 172 18.65 13.55 19.67
C LYS A 172 17.79 12.51 20.36
N ASP A 173 18.26 12.02 21.50
CA ASP A 173 17.48 11.06 22.28
C ASP A 173 16.10 11.58 22.67
N TYR A 174 15.99 12.89 22.94
CA TYR A 174 14.69 13.47 23.28
C TYR A 174 13.72 13.32 22.10
N VAL A 175 14.17 13.65 20.89
CA VAL A 175 13.29 13.56 19.71
C VAL A 175 12.92 12.10 19.43
N ARG A 176 13.92 11.22 19.51
CA ARG A 176 13.69 9.78 19.32
C ARG A 176 12.64 9.27 20.31
N SER A 177 12.76 9.71 21.57
CA SER A 177 11.86 9.27 22.63
C SER A 177 10.43 9.76 22.44
N LYS A 178 10.26 11.00 21.99
CA LYS A 178 8.90 11.51 21.73
C LYS A 178 8.20 10.76 20.59
N ILE A 179 8.97 10.42 19.55
CA ILE A 179 8.45 9.60 18.45
C ILE A 179 8.12 8.20 18.96
N ALA A 180 9.03 7.58 19.71
CA ALA A 180 8.80 6.24 20.29
C ALA A 180 7.60 6.21 21.23
N GLU A 181 7.42 7.29 21.99
CA GLU A 181 6.24 7.44 22.84
C GLU A 181 4.92 7.33 22.05
N TYR A 182 4.86 8.08 20.95
CA TYR A 182 3.74 8.05 20.00
C TYR A 182 3.55 6.63 19.43
N MET A 183 4.63 6.04 18.90
CA MET A 183 4.56 4.71 18.30
C MET A 183 4.19 3.64 19.30
N ASN A 184 4.68 3.76 20.54
CA ASN A 184 4.30 2.86 21.63
C ASN A 184 2.85 2.96 22.07
N HIS A 185 2.33 4.19 22.09
CA HIS A 185 0.89 4.43 22.25
C HIS A 185 0.08 3.57 21.25
N LEU A 186 0.42 3.72 19.97
CA LEU A 186 -0.22 2.95 18.89
C LEU A 186 -0.01 1.42 19.05
N ILE A 187 1.21 0.99 19.31
CA ILE A 187 1.46 -0.43 19.55
C ILE A 187 0.53 -0.99 20.65
N ASP A 188 0.46 -0.31 21.79
CA ASP A 188 -0.31 -0.84 22.91
C ASP A 188 -1.81 -0.90 22.64
N ILE A 189 -2.30 0.06 21.85
CA ILE A 189 -3.66 0.02 21.36
C ILE A 189 -3.92 -1.28 20.56
N GLY A 190 -2.91 -1.75 19.82
CA GLY A 190 -3.03 -3.02 19.10
C GLY A 190 -2.52 -3.01 17.65
N VAL A 191 -1.90 -1.91 17.24
CA VAL A 191 -1.35 -1.79 15.89
C VAL A 191 -0.25 -2.85 15.65
N ALA A 192 -0.22 -3.43 14.44
CA ALA A 192 0.64 -4.58 14.15
C ALA A 192 1.95 -4.16 13.50
N GLY A 193 2.05 -2.88 13.16
CA GLY A 193 3.24 -2.41 12.48
C GLY A 193 3.06 -1.05 11.82
N PHE A 194 4.05 -0.66 11.03
CA PHE A 194 4.17 0.70 10.54
C PHE A 194 4.68 0.80 9.13
N ARG A 195 4.05 1.70 8.37
CA ARG A 195 4.62 2.18 7.12
C ARG A 195 5.43 3.41 7.53
N ILE A 196 6.75 3.36 7.40
CA ILE A 196 7.54 4.53 7.78
C ILE A 196 7.71 5.52 6.64
N ASP A 197 6.98 6.61 6.76
CA ASP A 197 6.97 7.67 5.77
C ASP A 197 8.34 8.33 5.64
N ALA A 198 8.69 8.68 4.39
CA ALA A 198 9.88 9.45 4.06
C ALA A 198 11.17 8.83 4.65
N SER A 199 11.29 7.51 4.57
CA SER A 199 12.40 6.80 5.21
C SER A 199 13.76 7.23 4.65
N LYS A 200 13.79 7.55 3.35
CA LYS A 200 15.01 8.05 2.68
C LYS A 200 15.61 9.30 3.32
N HIS A 201 14.75 10.10 3.95
CA HIS A 201 15.11 11.37 4.55
C HIS A 201 15.58 11.23 5.99
N MET A 202 15.68 9.98 6.45
CA MET A 202 16.21 9.66 7.77
C MET A 202 17.41 8.71 7.65
N TRP A 203 18.42 8.92 8.51
CA TRP A 203 19.57 8.02 8.63
C TRP A 203 19.08 6.68 9.14
N PRO A 204 19.49 5.58 8.50
CA PRO A 204 19.07 4.24 8.97
C PRO A 204 19.32 4.03 10.47
N GLY A 205 20.41 4.65 10.98
CA GLY A 205 20.80 4.54 12.38
C GLY A 205 19.84 5.24 13.32
N ASP A 206 19.23 6.33 12.86
CA ASP A 206 18.23 7.07 13.65
C ASP A 206 16.90 6.31 13.71
N ILE A 207 16.48 5.75 12.57
CA ILE A 207 15.32 4.87 12.54
C ILE A 207 15.56 3.72 13.52
N LYS A 208 16.72 3.07 13.42
CA LYS A 208 17.05 1.99 14.37
C LYS A 208 16.91 2.44 15.84
N ALA A 209 17.50 3.60 16.18
CA ALA A 209 17.43 4.08 17.55
C ALA A 209 15.98 4.24 18.04
N ILE A 210 15.11 4.73 17.15
CA ILE A 210 13.69 4.85 17.49
C ILE A 210 13.06 3.48 17.70
N LEU A 211 13.34 2.57 16.76
CA LEU A 211 12.80 1.22 16.87
C LEU A 211 13.28 0.47 18.11
N ASP A 212 14.52 0.73 18.55
CA ASP A 212 15.05 0.11 19.77
C ASP A 212 14.19 0.41 21.01
N LYS A 213 13.42 1.49 20.95
CA LYS A 213 12.62 1.93 22.09
C LYS A 213 11.20 1.38 22.11
N LEU A 214 10.85 0.60 21.08
CA LEU A 214 9.47 0.14 20.92
C LEU A 214 9.12 -1.11 21.73
N HIS A 215 7.88 -1.15 22.23
CA HIS A 215 7.33 -2.33 22.88
C HIS A 215 7.20 -3.47 21.88
N ASN A 216 7.13 -4.68 22.40
CA ASN A 216 6.53 -5.79 21.67
C ASN A 216 5.04 -5.51 21.47
N LEU A 217 4.47 -6.19 20.49
CA LEU A 217 3.06 -6.07 20.15
C LEU A 217 2.19 -6.50 21.31
N ASN A 218 0.95 -6.04 21.31
CA ASN A 218 0.02 -6.26 22.39
C ASN A 218 -0.25 -7.75 22.58
N SER A 219 0.08 -8.26 23.78
CA SER A 219 0.12 -9.69 24.05
C SER A 219 -1.25 -10.38 24.17
N ASN A 220 -2.34 -9.58 24.13
CA ASN A 220 -3.69 -10.15 23.99
C ASN A 220 -3.98 -10.72 22.63
N TRP A 221 -3.37 -10.14 21.60
CA TRP A 221 -3.63 -10.55 20.23
C TRP A 221 -2.45 -11.23 19.59
N PHE A 222 -1.25 -10.87 20.04
CA PHE A 222 -0.05 -11.36 19.40
C PHE A 222 0.74 -12.22 20.36
N PRO A 223 1.38 -13.27 19.83
CA PRO A 223 2.24 -14.12 20.67
C PRO A 223 3.37 -13.29 21.30
N GLU A 224 3.81 -13.75 22.47
CA GLU A 224 4.88 -13.11 23.22
C GLU A 224 6.13 -12.90 22.37
N GLY A 225 6.76 -11.74 22.49
CA GLY A 225 7.97 -11.42 21.76
C GLY A 225 7.78 -10.95 20.31
N SER A 226 6.53 -10.67 19.92
CA SER A 226 6.21 -10.19 18.56
C SER A 226 6.70 -8.75 18.37
N LYS A 227 7.35 -8.47 17.25
CA LYS A 227 7.87 -7.13 16.97
C LYS A 227 6.98 -6.49 15.90
N PRO A 228 6.77 -5.16 15.89
CA PRO A 228 6.02 -4.51 14.82
C PRO A 228 6.63 -4.78 13.46
N PHE A 229 5.76 -5.09 12.50
CA PHE A 229 6.13 -5.13 11.08
C PHE A 229 6.54 -3.72 10.67
N ILE A 230 7.70 -3.59 10.07
CA ILE A 230 8.21 -2.30 9.62
C ILE A 230 8.38 -2.39 8.12
N TYR A 231 7.73 -1.50 7.38
CA TYR A 231 8.09 -1.33 5.98
C TYR A 231 8.32 0.12 5.67
N GLN A 232 9.48 0.40 5.12
CA GLN A 232 9.98 1.77 5.04
C GLN A 232 9.77 2.29 3.63
N GLU A 233 9.19 3.49 3.51
CA GLU A 233 9.08 4.10 2.18
C GLU A 233 10.42 4.66 1.71
N VAL A 234 11.02 3.97 0.74
CA VAL A 234 12.23 4.46 0.08
C VAL A 234 12.03 4.29 -1.41
N ILE A 235 12.04 5.40 -2.15
CA ILE A 235 11.92 5.34 -3.60
C ILE A 235 13.32 5.20 -4.19
N ASP A 236 13.65 4.01 -4.66
CA ASP A 236 14.98 3.77 -5.19
C ASP A 236 14.88 3.01 -6.52
N LEU A 237 14.95 3.76 -7.61
CA LEU A 237 14.92 3.21 -8.97
C LEU A 237 16.33 3.08 -9.54
N GLY A 238 17.33 3.39 -8.71
CA GLY A 238 18.72 3.44 -9.14
C GLY A 238 19.19 4.86 -9.35
N GLY A 239 20.48 5.04 -9.53
CA GLY A 239 21.03 6.33 -9.88
C GLY A 239 21.24 7.32 -8.75
N GLU A 240 20.97 6.91 -7.51
CA GLU A 240 21.11 7.78 -6.36
C GLU A 240 22.07 7.12 -5.36
N PRO A 241 22.75 7.89 -4.53
CA PRO A 241 23.64 7.29 -3.52
C PRO A 241 22.90 6.53 -2.44
N ILE A 242 21.66 6.90 -2.15
CA ILE A 242 20.87 6.17 -1.15
C ILE A 242 20.18 4.98 -1.82
N LYS A 243 20.26 3.83 -1.16
CA LYS A 243 19.75 2.59 -1.70
C LYS A 243 18.74 1.96 -0.74
N SER A 244 17.77 1.24 -1.31
CA SER A 244 16.79 0.48 -0.53
C SER A 244 17.49 -0.43 0.49
N SER A 245 18.53 -1.10 0.04
CA SER A 245 19.29 -2.02 0.89
C SER A 245 19.86 -1.38 2.18
N ASP A 246 20.08 -0.06 2.17
CA ASP A 246 20.55 0.65 3.38
C ASP A 246 19.57 0.56 4.54
N TYR A 247 18.31 0.22 4.25
CA TYR A 247 17.26 0.17 5.28
C TYR A 247 16.88 -1.24 5.76
N PHE A 248 17.54 -2.27 5.20
CA PHE A 248 17.20 -3.68 5.49
C PHE A 248 17.34 -4.06 6.95
N GLY A 249 18.22 -3.36 7.67
CA GLY A 249 18.40 -3.58 9.10
C GLY A 249 17.18 -3.25 9.93
N ASN A 250 16.32 -2.35 9.43
CA ASN A 250 15.16 -1.90 10.20
C ASN A 250 13.87 -2.64 9.88
N GLY A 251 13.82 -3.24 8.69
CA GLY A 251 12.66 -4.00 8.26
C GLY A 251 12.60 -4.10 6.73
N ARG A 252 11.37 -4.28 6.23
CA ARG A 252 11.11 -4.33 4.79
C ARG A 252 11.17 -2.92 4.20
N VAL A 253 11.28 -2.85 2.88
CA VAL A 253 11.34 -1.60 2.15
C VAL A 253 10.38 -1.68 0.96
N THR A 254 9.71 -0.56 0.64
CA THR A 254 8.89 -0.47 -0.57
C THR A 254 9.75 -0.66 -1.82
N GLU A 255 9.38 -1.61 -2.67
CA GLU A 255 10.08 -1.79 -3.94
C GLU A 255 9.33 -0.99 -5.03
N PHE A 256 9.71 0.26 -5.24
CA PHE A 256 9.05 1.12 -6.25
C PHE A 256 9.37 0.71 -7.70
N LYS A 257 10.48 0.00 -7.88
CA LYS A 257 10.77 -0.59 -9.19
C LYS A 257 9.65 -1.51 -9.65
N TYR A 258 8.97 -2.13 -8.69
CA TYR A 258 7.95 -3.13 -8.98
C TYR A 258 6.80 -2.64 -9.89
N GLY A 259 6.04 -1.65 -9.40
CA GLY A 259 4.91 -1.12 -10.14
C GLY A 259 5.34 -0.32 -11.39
N ALA A 260 6.51 0.32 -11.32
CA ALA A 260 7.03 1.09 -12.46
C ALA A 260 7.30 0.15 -13.64
N LYS A 261 7.95 -0.98 -13.38
CA LYS A 261 8.27 -1.91 -14.45
C LYS A 261 7.04 -2.69 -14.90
N LEU A 262 6.18 -3.06 -13.98
CA LEU A 262 5.02 -3.87 -14.37
C LEU A 262 4.04 -3.05 -15.21
N GLY A 263 3.86 -1.78 -14.84
CA GLY A 263 3.04 -0.86 -15.61
C GLY A 263 3.57 -0.70 -17.02
N THR A 264 4.89 -0.50 -17.13
CA THR A 264 5.53 -0.39 -18.44
C THR A 264 5.28 -1.65 -19.28
N VAL A 265 5.39 -2.83 -18.66
CA VAL A 265 5.14 -4.10 -19.35
C VAL A 265 3.68 -4.26 -19.80
N ILE A 266 2.74 -4.00 -18.88
CA ILE A 266 1.32 -4.23 -19.20
C ILE A 266 0.76 -3.23 -20.22
N ARG A 267 1.30 -2.01 -20.22
CA ARG A 267 0.99 -1.01 -21.23
C ARG A 267 1.70 -1.30 -22.56
N LYS A 268 2.60 -2.29 -22.56
CA LYS A 268 3.43 -2.61 -23.72
C LYS A 268 4.21 -1.42 -24.23
N TRP A 269 4.78 -0.67 -23.29
CA TRP A 269 5.62 0.47 -23.60
C TRP A 269 7.08 0.06 -23.69
N ASN A 270 7.86 0.90 -24.38
CA ASN A 270 9.32 0.78 -24.43
C ASN A 270 9.78 -0.59 -24.91
N GLY A 271 8.98 -1.21 -25.75
CA GLY A 271 9.26 -2.55 -26.27
C GLY A 271 9.09 -3.69 -25.27
N GLU A 272 8.45 -3.43 -24.12
CA GLU A 272 8.27 -4.50 -23.13
C GLU A 272 7.14 -5.44 -23.52
N LYS A 273 7.21 -6.69 -23.06
CA LYS A 273 6.14 -7.67 -23.27
C LYS A 273 5.99 -8.64 -22.11
N MET A 274 4.81 -9.23 -21.97
CA MET A 274 4.56 -10.07 -20.81
C MET A 274 5.43 -11.32 -20.77
N SER A 275 5.96 -11.76 -21.92
CA SER A 275 6.80 -12.95 -21.92
C SER A 275 8.06 -12.73 -21.11
N TYR A 276 8.53 -11.48 -21.02
CA TYR A 276 9.73 -11.14 -20.24
C TYR A 276 9.55 -11.30 -18.72
N LEU A 277 8.29 -11.37 -18.27
CA LEU A 277 7.96 -11.58 -16.84
C LEU A 277 8.28 -12.98 -16.35
N LYS A 278 8.80 -13.86 -17.21
CA LYS A 278 9.11 -15.21 -16.74
C LYS A 278 10.12 -15.22 -15.59
N ASN A 279 11.05 -14.25 -15.57
CA ASN A 279 12.02 -14.21 -14.48
C ASN A 279 11.73 -13.05 -13.50
N TRP A 280 10.46 -12.63 -13.47
CA TRP A 280 9.98 -11.54 -12.62
C TRP A 280 10.45 -11.70 -11.17
N GLY A 281 10.86 -10.58 -10.56
CA GLY A 281 11.32 -10.59 -9.19
C GLY A 281 12.78 -10.20 -9.14
N GLU A 282 13.60 -10.96 -8.42
CA GLU A 282 15.04 -10.66 -8.36
C GLU A 282 15.74 -10.67 -9.72
N GLY A 283 15.23 -11.47 -10.65
CA GLY A 283 15.72 -11.48 -12.03
C GLY A 283 15.59 -10.14 -12.72
N TRP A 284 14.70 -9.28 -12.24
CA TRP A 284 14.55 -7.94 -12.78
C TRP A 284 15.36 -6.91 -12.02
N GLY A 285 16.28 -7.40 -11.17
CA GLY A 285 17.15 -6.53 -10.38
C GLY A 285 16.48 -5.95 -9.15
N PHE A 286 15.36 -6.53 -8.75
CA PHE A 286 14.60 -6.07 -7.59
C PHE A 286 15.32 -6.51 -6.33
N MET A 287 14.99 -5.88 -5.19
CA MET A 287 15.54 -6.30 -3.89
C MET A 287 15.09 -7.75 -3.56
N PRO A 288 15.69 -8.38 -2.55
CA PRO A 288 15.27 -9.72 -2.15
C PRO A 288 13.78 -9.77 -1.82
N SER A 289 13.13 -10.85 -2.24
CA SER A 289 11.68 -11.02 -2.10
C SER A 289 11.26 -10.90 -0.63
N ASP A 290 12.10 -11.39 0.29
CA ASP A 290 11.79 -11.35 1.71
C ASP A 290 11.92 -9.97 2.37
N ARG A 291 12.33 -8.95 1.61
CA ARG A 291 12.35 -7.57 2.11
C ARG A 291 11.42 -6.64 1.35
N ALA A 292 10.85 -7.12 0.24
CA ALA A 292 10.05 -6.23 -0.62
C ALA A 292 8.62 -6.10 -0.16
N LEU A 293 8.15 -4.86 -0.10
CA LEU A 293 6.73 -4.56 0.04
C LEU A 293 6.33 -4.09 -1.36
N VAL A 294 5.47 -4.85 -2.03
CA VAL A 294 5.13 -4.60 -3.44
C VAL A 294 3.71 -4.09 -3.63
N PHE A 295 3.48 -3.45 -4.79
CA PHE A 295 2.22 -2.76 -5.08
C PHE A 295 2.30 -2.28 -6.49
N VAL A 296 1.13 -2.18 -7.14
CA VAL A 296 1.06 -1.63 -8.49
C VAL A 296 1.16 -0.10 -8.42
N ASP A 297 0.33 0.51 -7.58
CA ASP A 297 0.36 1.96 -7.37
C ASP A 297 0.26 2.24 -5.87
N ASN A 298 0.65 3.45 -5.48
CA ASN A 298 0.45 3.93 -4.11
C ASN A 298 -0.26 5.28 -4.16
N HIS A 299 -0.52 5.89 -2.99
CA HIS A 299 -1.35 7.11 -2.95
C HIS A 299 -0.67 8.29 -3.65
N ASP A 300 0.67 8.32 -3.66
CA ASP A 300 1.42 9.34 -4.39
C ASP A 300 1.41 9.10 -5.89
N ASN A 301 1.88 7.92 -6.30
CA ASN A 301 2.16 7.73 -7.72
C ASN A 301 0.92 7.46 -8.57
N GLN A 302 -0.21 7.18 -7.93
CA GLN A 302 -1.47 7.08 -8.67
C GLN A 302 -1.93 8.46 -9.19
N ARG A 303 -1.25 9.51 -8.72
CA ARG A 303 -1.55 10.89 -9.13
C ARG A 303 -0.60 11.41 -10.20
N GLY A 304 0.36 10.59 -10.62
CA GLY A 304 1.33 10.95 -11.66
C GLY A 304 1.16 10.11 -12.91
N HIS A 305 2.19 10.08 -13.76
CA HIS A 305 2.15 9.34 -15.05
C HIS A 305 2.78 7.93 -15.07
N SER A 306 2.40 7.13 -16.09
CA SER A 306 2.96 5.79 -16.39
C SER A 306 2.49 4.62 -15.47
N ILE A 307 2.31 4.93 -14.19
CA ILE A 307 1.82 3.96 -13.22
C ILE A 307 0.40 3.58 -13.62
N LEU A 308 0.05 2.30 -13.52
CA LEU A 308 -1.35 1.89 -13.70
C LEU A 308 -2.17 2.17 -12.43
N THR A 309 -3.39 2.69 -12.63
CA THR A 309 -4.33 2.99 -11.53
C THR A 309 -5.76 2.57 -11.89
N PHE A 310 -6.68 2.74 -10.95
CA PHE A 310 -8.09 2.48 -11.19
C PHE A 310 -8.65 3.25 -12.38
N TRP A 311 -8.02 4.38 -12.74
CA TRP A 311 -8.39 5.12 -13.95
C TRP A 311 -8.19 4.29 -15.22
N ASP A 312 -7.23 3.37 -15.19
CA ASP A 312 -7.02 2.43 -16.31
C ASP A 312 -7.51 1.05 -15.92
N ALA A 313 -8.76 0.94 -15.55
CA ALA A 313 -9.27 -0.24 -14.85
C ALA A 313 -8.92 -1.60 -15.46
N ARG A 314 -9.05 -1.73 -16.78
CA ARG A 314 -8.82 -3.03 -17.42
C ARG A 314 -7.36 -3.49 -17.28
N LEU A 315 -6.41 -2.63 -17.60
CA LEU A 315 -5.01 -3.01 -17.47
C LEU A 315 -4.58 -3.09 -16.00
N TYR A 316 -5.19 -2.22 -15.18
CA TYR A 316 -4.94 -2.23 -13.75
C TYR A 316 -5.26 -3.56 -13.10
N LYS A 317 -6.45 -4.10 -13.40
CA LYS A 317 -6.87 -5.38 -12.84
C LYS A 317 -5.89 -6.50 -13.20
N MET A 318 -5.35 -6.47 -14.43
CA MET A 318 -4.42 -7.51 -14.87
C MET A 318 -3.11 -7.43 -14.11
N ALA A 319 -2.58 -6.21 -14.01
CA ALA A 319 -1.36 -5.93 -13.28
C ALA A 319 -1.48 -6.37 -11.81
N VAL A 320 -2.58 -5.97 -11.14
CA VAL A 320 -2.82 -6.34 -9.76
C VAL A 320 -2.99 -7.87 -9.67
N GLY A 321 -3.70 -8.46 -10.64
CA GLY A 321 -3.83 -9.92 -10.65
C GLY A 321 -2.50 -10.66 -10.83
N PHE A 322 -1.66 -10.17 -11.73
CA PHE A 322 -0.32 -10.74 -11.90
C PHE A 322 0.45 -10.67 -10.58
N MET A 323 0.45 -9.49 -9.96
CA MET A 323 1.15 -9.30 -8.68
C MET A 323 0.66 -10.28 -7.58
N LEU A 324 -0.66 -10.36 -7.42
CA LEU A 324 -1.22 -11.25 -6.41
C LEU A 324 -0.98 -12.75 -6.67
N ALA A 325 -0.85 -13.13 -7.94
CA ALA A 325 -0.55 -14.54 -8.28
C ALA A 325 0.93 -14.90 -8.07
N HIS A 326 1.82 -13.90 -8.25
CA HIS A 326 3.27 -14.14 -8.27
C HIS A 326 3.87 -14.17 -6.83
N PRO A 327 4.76 -15.14 -6.50
CA PRO A 327 5.28 -15.23 -5.12
C PRO A 327 6.20 -14.08 -4.65
N TYR A 328 6.69 -13.25 -5.57
CA TYR A 328 7.64 -12.19 -5.15
C TYR A 328 6.98 -11.18 -4.20
N GLY A 329 7.60 -10.99 -3.03
CA GLY A 329 7.27 -9.89 -2.15
C GLY A 329 6.05 -10.05 -1.26
N PHE A 330 5.83 -9.04 -0.43
CA PHE A 330 4.61 -8.98 0.37
C PHE A 330 3.70 -7.91 -0.23
N THR A 331 2.47 -8.28 -0.54
CA THR A 331 1.64 -7.46 -1.41
C THR A 331 0.73 -6.48 -0.71
N ARG A 332 0.68 -5.27 -1.24
CA ARG A 332 -0.24 -4.25 -0.74
C ARG A 332 -1.16 -3.80 -1.87
N VAL A 333 -2.46 -3.85 -1.60
CA VAL A 333 -3.46 -3.46 -2.59
C VAL A 333 -3.94 -2.02 -2.28
N MET A 334 -3.99 -1.17 -3.29
CA MET A 334 -4.43 0.23 -3.09
C MET A 334 -5.96 0.29 -3.03
N SER A 335 -6.51 1.18 -2.20
CA SER A 335 -7.94 1.46 -2.23
C SER A 335 -8.12 2.97 -2.18
N SER A 336 -8.76 3.52 -3.20
CA SER A 336 -8.69 4.95 -3.54
C SER A 336 -10.05 5.60 -3.50
N TYR A 337 -10.02 6.92 -3.64
CA TYR A 337 -11.21 7.69 -3.96
C TYR A 337 -11.05 8.35 -5.33
N ARG A 338 -12.17 8.64 -5.98
CA ARG A 338 -12.19 9.41 -7.21
C ARG A 338 -12.10 10.90 -6.86
N TRP A 339 -11.42 11.65 -7.69
CA TRP A 339 -11.37 13.09 -7.54
C TRP A 339 -11.54 13.71 -8.93
N PRO A 340 -11.97 14.98 -8.96
CA PRO A 340 -12.26 15.67 -10.22
C PRO A 340 -10.96 16.07 -10.91
N ARG A 341 -10.38 15.11 -11.61
CA ARG A 341 -9.20 15.35 -12.42
C ARG A 341 -9.41 16.51 -13.41
N TYR A 342 -8.33 17.24 -13.69
CA TYR A 342 -8.36 18.28 -14.72
C TYR A 342 -6.95 18.47 -15.23
N PHE A 343 -6.74 18.18 -16.51
CA PHE A 343 -5.42 18.25 -17.11
C PHE A 343 -5.17 19.59 -17.79
N GLU A 344 -4.04 20.19 -17.44
CA GLU A 344 -3.54 21.39 -18.09
C GLU A 344 -2.07 21.19 -18.41
N ASN A 345 -1.73 21.40 -19.68
CA ASN A 345 -0.53 20.86 -20.33
C ASN A 345 0.01 19.55 -19.73
N GLY A 346 -0.82 18.51 -19.80
CA GLY A 346 -0.46 17.18 -19.34
C GLY A 346 -0.22 16.98 -17.85
N LYS A 347 -0.69 17.92 -17.02
CA LYS A 347 -0.61 17.72 -15.57
C LYS A 347 -1.99 17.81 -14.94
N ASP A 348 -2.23 16.97 -13.94
CA ASP A 348 -3.49 17.00 -13.23
C ASP A 348 -3.40 18.08 -12.15
N VAL A 349 -4.08 19.19 -12.40
CA VAL A 349 -4.00 20.36 -11.51
C VAL A 349 -4.79 20.14 -10.24
N ASN A 350 -5.57 19.06 -10.23
CA ASN A 350 -6.35 18.67 -9.08
C ASN A 350 -5.83 17.42 -8.37
N ASP A 351 -4.54 17.14 -8.53
CA ASP A 351 -3.92 15.99 -7.86
C ASP A 351 -3.79 16.17 -6.34
N TRP A 352 -4.11 17.38 -5.86
CA TRP A 352 -4.08 17.70 -4.44
C TRP A 352 -5.38 17.31 -3.73
N VAL A 353 -6.45 17.11 -4.49
CA VAL A 353 -7.81 16.97 -3.92
C VAL A 353 -7.91 15.89 -2.83
N GLY A 354 -8.46 16.27 -1.68
CA GLY A 354 -8.65 15.37 -0.56
C GLY A 354 -9.80 14.41 -0.82
N PRO A 355 -10.10 13.57 0.18
CA PRO A 355 -11.22 12.60 0.09
C PRO A 355 -12.59 13.26 -0.15
N PRO A 356 -13.56 12.46 -0.62
CA PRO A 356 -14.91 12.97 -0.79
C PRO A 356 -15.31 13.63 0.52
N ASN A 357 -15.90 14.83 0.44
CA ASN A 357 -16.17 15.62 1.61
C ASN A 357 -17.30 16.61 1.39
N ASP A 358 -17.93 16.99 2.49
CA ASP A 358 -18.94 18.02 2.50
C ASP A 358 -18.35 19.13 3.37
N ASN A 359 -17.87 20.20 2.75
CA ASN A 359 -17.23 21.29 3.50
C ASN A 359 -16.12 20.81 4.44
N GLY A 360 -15.31 19.90 3.94
CA GLY A 360 -14.15 19.45 4.72
C GLY A 360 -14.45 18.26 5.61
N VAL A 361 -15.73 17.90 5.76
CA VAL A 361 -16.12 16.73 6.56
C VAL A 361 -16.07 15.46 5.65
N THR A 362 -15.15 14.53 5.95
CA THR A 362 -15.02 13.31 5.13
C THR A 362 -16.34 12.56 5.02
N LYS A 363 -16.71 12.16 3.80
CA LYS A 363 -17.93 11.39 3.56
C LYS A 363 -17.81 9.94 3.99
N GLU A 364 -18.90 9.35 4.48
CA GLU A 364 -18.86 7.95 4.85
C GLU A 364 -18.68 7.09 3.60
N VAL A 365 -18.08 5.91 3.78
CA VAL A 365 -18.08 4.92 2.71
C VAL A 365 -19.43 4.22 2.72
N THR A 366 -20.27 4.56 1.77
CA THR A 366 -21.55 3.85 1.63
C THR A 366 -21.31 2.62 0.78
N ILE A 367 -22.09 1.57 1.03
CA ILE A 367 -21.99 0.34 0.29
C ILE A 367 -23.24 0.18 -0.54
N ASN A 368 -23.06 0.08 -1.86
CA ASN A 368 -24.15 -0.14 -2.78
C ASN A 368 -24.72 -1.56 -2.64
N PRO A 369 -25.96 -1.76 -3.13
CA PRO A 369 -26.56 -3.11 -3.22
C PRO A 369 -25.62 -4.16 -3.82
N ASP A 370 -24.91 -3.82 -4.89
CA ASP A 370 -24.04 -4.80 -5.57
C ASP A 370 -22.66 -4.98 -4.91
N THR A 371 -22.49 -4.44 -3.71
CA THR A 371 -21.24 -4.48 -2.91
C THR A 371 -20.10 -3.53 -3.36
N THR A 372 -20.35 -2.71 -4.37
CA THR A 372 -19.42 -1.62 -4.68
C THR A 372 -19.66 -0.46 -3.70
N CYS A 373 -18.86 0.61 -3.83
CA CYS A 373 -18.96 1.75 -2.93
C CYS A 373 -19.53 3.01 -3.57
N GLY A 374 -20.28 3.81 -2.81
CA GLY A 374 -20.79 5.06 -3.31
C GLY A 374 -19.95 6.20 -2.73
N ASN A 375 -20.50 7.41 -2.79
CA ASN A 375 -19.81 8.60 -2.26
C ASN A 375 -18.40 8.85 -2.81
N ASP A 376 -18.17 8.36 -4.04
CA ASP A 376 -16.91 8.57 -4.78
C ASP A 376 -15.71 7.78 -4.25
N TRP A 377 -15.96 6.84 -3.33
CA TRP A 377 -14.91 5.90 -2.93
C TRP A 377 -14.80 4.83 -3.99
N VAL A 378 -13.59 4.54 -4.46
CA VAL A 378 -13.41 3.57 -5.55
C VAL A 378 -13.52 2.11 -5.06
N CYS A 379 -12.95 1.84 -3.89
CA CYS A 379 -12.98 0.49 -3.30
C CYS A 379 -12.45 -0.59 -4.24
N GLU A 380 -11.25 -0.39 -4.78
CA GLU A 380 -10.65 -1.41 -5.64
C GLU A 380 -10.62 -2.77 -4.96
N HIS A 381 -10.50 -2.78 -3.63
CA HIS A 381 -10.36 -4.03 -2.85
C HIS A 381 -11.65 -4.84 -2.87
N ARG A 382 -12.75 -4.20 -3.29
CA ARG A 382 -14.05 -4.84 -3.42
C ARG A 382 -14.36 -5.21 -4.89
N TRP A 383 -13.51 -4.78 -5.83
CA TRP A 383 -13.69 -5.22 -7.23
C TRP A 383 -13.53 -6.73 -7.24
N ARG A 384 -14.48 -7.44 -7.84
CA ARG A 384 -14.47 -8.89 -7.76
C ARG A 384 -13.11 -9.45 -8.19
N GLN A 385 -12.57 -8.95 -9.30
CA GLN A 385 -11.30 -9.45 -9.85
C GLN A 385 -10.14 -9.31 -8.85
N ILE A 386 -10.16 -8.27 -8.02
CA ILE A 386 -9.06 -8.02 -7.11
C ILE A 386 -9.29 -8.76 -5.80
N ARG A 387 -10.47 -8.59 -5.22
CA ARG A 387 -10.84 -9.35 -4.05
C ARG A 387 -10.59 -10.85 -4.22
N ASN A 388 -10.98 -11.42 -5.36
CA ASN A 388 -10.77 -12.86 -5.57
C ASN A 388 -9.31 -13.24 -5.74
N MET A 389 -8.50 -12.33 -6.29
CA MET A 389 -7.05 -12.56 -6.40
C MET A 389 -6.35 -12.45 -5.03
N VAL A 390 -6.90 -11.63 -4.13
CA VAL A 390 -6.43 -11.58 -2.73
C VAL A 390 -6.61 -12.97 -2.09
N ASN A 391 -7.77 -13.60 -2.31
CA ASN A 391 -7.94 -14.98 -1.84
C ASN A 391 -7.05 -16.00 -2.56
N PHE A 392 -6.90 -15.86 -3.87
CA PHE A 392 -5.97 -16.71 -4.64
C PHE A 392 -4.58 -16.73 -3.96
N ARG A 393 -4.04 -15.56 -3.64
CA ARG A 393 -2.75 -15.50 -2.95
C ARG A 393 -2.74 -16.28 -1.62
N ASN A 394 -3.79 -16.15 -0.80
CA ASN A 394 -3.91 -16.94 0.42
C ASN A 394 -3.88 -18.46 0.13
N VAL A 395 -4.64 -18.88 -0.89
CA VAL A 395 -4.82 -20.31 -1.19
C VAL A 395 -3.52 -20.96 -1.65
N VAL A 396 -2.70 -20.21 -2.36
CA VAL A 396 -1.48 -20.73 -3.00
C VAL A 396 -0.21 -20.43 -2.17
N ASP A 397 -0.38 -19.78 -1.02
CA ASP A 397 0.70 -19.40 -0.10
C ASP A 397 1.71 -20.54 0.09
N GLY A 398 2.96 -20.25 -0.18
CA GLY A 398 4.05 -21.19 0.04
C GLY A 398 4.32 -22.12 -1.13
N GLN A 399 3.45 -22.10 -2.15
CA GLN A 399 3.63 -22.94 -3.34
C GLN A 399 4.58 -22.29 -4.36
N PRO A 400 5.42 -23.10 -5.01
CA PRO A 400 6.41 -22.56 -5.96
C PRO A 400 5.84 -22.07 -7.28
N PHE A 401 6.44 -21.00 -7.82
CA PHE A 401 6.23 -20.57 -9.19
C PHE A 401 6.56 -21.75 -10.13
N THR A 402 5.61 -22.16 -10.96
CA THR A 402 5.83 -23.31 -11.83
C THR A 402 4.92 -23.30 -13.06
N ASN A 403 5.20 -24.23 -13.98
CA ASN A 403 4.36 -24.40 -15.16
C ASN A 403 4.22 -23.11 -15.97
N TRP A 404 5.31 -22.36 -16.09
CA TRP A 404 5.31 -21.14 -16.90
C TRP A 404 5.11 -21.43 -18.38
N TYR A 405 4.22 -20.68 -19.04
CA TYR A 405 4.08 -20.70 -20.49
C TYR A 405 4.16 -19.26 -21.04
N ASP A 406 4.74 -19.10 -22.23
CA ASP A 406 4.57 -17.88 -23.03
C ASP A 406 4.64 -18.15 -24.55
N ASN A 407 4.01 -17.28 -25.33
CA ASN A 407 3.98 -17.37 -26.79
C ASN A 407 5.06 -16.49 -27.44
N GLY A 408 5.98 -15.99 -26.61
CA GLY A 408 7.05 -15.13 -27.08
C GLY A 408 6.63 -13.69 -27.21
N SER A 409 5.38 -13.40 -26.88
CA SER A 409 4.83 -12.05 -27.02
C SER A 409 4.15 -11.66 -25.70
N ASN A 410 2.82 -11.59 -25.69
CA ASN A 410 2.06 -11.18 -24.50
C ASN A 410 0.98 -12.16 -24.06
N GLN A 411 1.13 -13.43 -24.43
CA GLN A 411 0.25 -14.48 -23.92
C GLN A 411 1.04 -15.38 -22.98
N VAL A 412 0.71 -15.32 -21.68
CA VAL A 412 1.50 -16.01 -20.66
C VAL A 412 0.60 -16.69 -19.63
N ALA A 413 1.14 -17.73 -18.98
CA ALA A 413 0.46 -18.42 -17.89
C ALA A 413 1.48 -18.94 -16.92
N PHE A 414 1.07 -19.15 -15.68
CA PHE A 414 1.90 -19.84 -14.69
C PHE A 414 1.05 -20.37 -13.57
N GLY A 415 1.63 -21.31 -12.84
CA GLY A 415 0.95 -21.90 -11.70
C GLY A 415 1.69 -21.68 -10.40
N ARG A 416 1.01 -22.00 -9.32
CA ARG A 416 1.62 -22.00 -8.00
C ARG A 416 1.43 -23.41 -7.43
N GLY A 417 2.51 -24.19 -7.47
CA GLY A 417 2.51 -25.58 -7.05
C GLY A 417 1.33 -26.29 -7.66
N ASN A 418 0.61 -27.02 -6.82
CA ASN A 418 -0.62 -27.69 -7.28
C ASN A 418 -1.90 -27.00 -6.80
N ARG A 419 -1.81 -25.71 -6.49
CA ARG A 419 -2.95 -25.00 -5.85
C ARG A 419 -3.61 -23.86 -6.64
N GLY A 420 -2.93 -23.35 -7.67
CA GLY A 420 -3.50 -22.28 -8.47
C GLY A 420 -2.85 -22.12 -9.82
N PHE A 421 -3.58 -21.53 -10.76
CA PHE A 421 -3.08 -21.32 -12.11
C PHE A 421 -3.73 -20.07 -12.68
N ILE A 422 -2.97 -19.29 -13.42
CA ILE A 422 -3.44 -18.03 -13.96
C ILE A 422 -2.96 -17.86 -15.40
N VAL A 423 -3.78 -17.23 -16.24
CA VAL A 423 -3.56 -17.16 -17.69
C VAL A 423 -3.88 -15.76 -18.20
N PHE A 424 -2.96 -15.13 -18.91
CA PHE A 424 -3.15 -13.74 -19.37
C PHE A 424 -3.08 -13.61 -20.90
N ASN A 425 -4.01 -12.87 -21.49
CA ASN A 425 -3.88 -12.49 -22.90
C ASN A 425 -3.73 -10.98 -23.07
N ASN A 426 -2.50 -10.51 -23.26
CA ASN A 426 -2.30 -9.08 -23.56
C ASN A 426 -1.82 -8.81 -24.99
N ASP A 427 -2.08 -9.76 -25.88
CA ASP A 427 -1.81 -9.57 -27.32
C ASP A 427 -3.06 -9.15 -28.08
N ASP A 428 -2.86 -8.60 -29.27
CA ASP A 428 -3.97 -8.16 -30.11
C ASP A 428 -4.56 -9.26 -31.00
N TRP A 429 -4.66 -10.48 -30.49
CA TRP A 429 -5.39 -11.58 -31.14
C TRP A 429 -5.79 -12.54 -30.03
N THR A 430 -6.60 -13.55 -30.37
CA THR A 430 -7.15 -14.48 -29.38
C THR A 430 -6.16 -15.53 -28.81
N PHE A 431 -6.27 -15.79 -27.51
CA PHE A 431 -5.48 -16.81 -26.82
C PHE A 431 -6.36 -18.05 -26.72
N SER A 432 -6.08 -19.07 -27.53
CA SER A 432 -6.82 -20.30 -27.48
C SER A 432 -5.83 -21.44 -27.49
N LEU A 433 -5.74 -22.16 -26.38
CA LEU A 433 -4.68 -23.14 -26.18
C LEU A 433 -4.92 -24.03 -24.97
N THR A 434 -4.50 -25.28 -25.09
CA THR A 434 -4.56 -26.22 -23.99
C THR A 434 -3.25 -26.20 -23.20
N LEU A 435 -3.35 -25.94 -21.90
CA LEU A 435 -2.18 -25.74 -21.04
C LEU A 435 -2.12 -26.70 -19.86
N GLN A 436 -0.91 -27.10 -19.47
CA GLN A 436 -0.66 -27.78 -18.21
C GLN A 436 -0.86 -26.80 -17.04
N THR A 437 -1.82 -27.13 -16.15
CA THR A 437 -2.18 -26.27 -15.01
C THR A 437 -1.53 -26.69 -13.71
N GLY A 438 -1.06 -27.93 -13.65
CA GLY A 438 -0.49 -28.47 -12.43
C GLY A 438 -1.54 -28.80 -11.38
N LEU A 439 -2.81 -28.64 -11.72
CA LEU A 439 -3.90 -28.84 -10.78
C LEU A 439 -4.54 -30.22 -10.88
N PRO A 440 -5.17 -30.70 -9.80
CA PRO A 440 -6.00 -31.91 -9.83
C PRO A 440 -7.17 -31.78 -10.82
N ALA A 441 -7.63 -32.91 -11.35
CA ALA A 441 -8.75 -32.95 -12.29
C ALA A 441 -9.99 -32.34 -11.67
N GLY A 442 -10.74 -31.56 -12.46
CA GLY A 442 -11.97 -30.99 -11.93
C GLY A 442 -12.57 -29.87 -12.75
N THR A 443 -13.71 -29.36 -12.29
CA THR A 443 -14.33 -28.17 -12.85
C THR A 443 -14.01 -27.04 -11.88
N TYR A 444 -13.37 -25.98 -12.39
CA TYR A 444 -12.98 -24.84 -11.57
C TYR A 444 -13.67 -23.58 -12.01
N CYS A 445 -14.15 -22.79 -11.05
CA CYS A 445 -14.67 -21.47 -11.38
C CYS A 445 -13.50 -20.53 -11.63
N ASP A 446 -13.55 -19.82 -12.76
CA ASP A 446 -12.71 -18.68 -12.99
C ASP A 446 -13.11 -17.56 -12.00
N VAL A 447 -12.19 -17.20 -11.11
CA VAL A 447 -12.53 -16.24 -10.04
C VAL A 447 -12.40 -14.79 -10.51
N ILE A 448 -11.93 -14.62 -11.75
CA ILE A 448 -11.86 -13.27 -12.36
C ILE A 448 -13.27 -12.91 -12.90
N SER A 449 -13.85 -13.77 -13.72
CA SER A 449 -15.15 -13.48 -14.32
C SER A 449 -16.33 -13.68 -13.37
N GLY A 450 -16.14 -14.49 -12.34
CA GLY A 450 -17.21 -14.81 -11.42
C GLY A 450 -16.75 -15.38 -10.07
N ASP A 451 -17.70 -16.01 -9.39
CA ASP A 451 -17.49 -16.56 -8.06
C ASP A 451 -17.97 -18.01 -8.04
N LYS A 452 -17.41 -18.80 -7.12
CA LYS A 452 -18.00 -20.07 -6.73
C LYS A 452 -19.02 -19.78 -5.64
N ILE A 453 -20.27 -20.15 -5.89
CA ILE A 453 -21.34 -20.02 -4.88
C ILE A 453 -22.06 -21.34 -4.79
N ASN A 454 -22.04 -21.86 -3.56
CA ASN A 454 -22.41 -23.25 -3.25
C ASN A 454 -21.74 -24.29 -4.16
N GLY A 455 -22.44 -24.78 -5.18
CA GLY A 455 -21.87 -25.78 -6.06
C GLY A 455 -21.85 -25.37 -7.52
N ASN A 456 -21.95 -24.08 -7.81
CA ASN A 456 -21.77 -23.62 -9.18
C ASN A 456 -20.89 -22.37 -9.32
N CYS A 457 -20.64 -21.99 -10.57
CA CYS A 457 -19.86 -20.80 -10.90
C CYS A 457 -20.76 -19.73 -11.47
N THR A 458 -20.53 -18.47 -11.10
CA THR A 458 -21.28 -17.38 -11.74
C THR A 458 -20.56 -16.78 -12.96
N GLY A 459 -19.39 -17.31 -13.29
CA GLY A 459 -18.69 -16.86 -14.47
C GLY A 459 -18.21 -18.05 -15.29
N ILE A 460 -17.05 -17.86 -15.93
CA ILE A 460 -16.38 -18.91 -16.71
C ILE A 460 -16.07 -20.17 -15.87
N LYS A 461 -16.17 -21.33 -16.52
CA LYS A 461 -15.78 -22.60 -15.95
C LYS A 461 -14.58 -23.15 -16.71
N ILE A 462 -13.58 -23.63 -15.98
CA ILE A 462 -12.43 -24.28 -16.60
C ILE A 462 -12.46 -25.76 -16.27
N TYR A 463 -12.20 -26.60 -17.27
CA TYR A 463 -12.28 -28.04 -17.08
C TYR A 463 -10.90 -28.67 -17.12
N VAL A 464 -10.41 -29.10 -15.95
CA VAL A 464 -9.09 -29.71 -15.86
C VAL A 464 -9.21 -31.23 -15.94
N SER A 465 -8.50 -31.82 -16.91
CA SER A 465 -8.58 -33.25 -17.14
C SER A 465 -7.57 -33.98 -16.26
N ASP A 466 -7.59 -35.31 -16.30
CA ASP A 466 -6.77 -36.15 -15.41
C ASP A 466 -5.26 -35.87 -15.44
N ASP A 467 -4.76 -35.42 -16.59
CA ASP A 467 -3.34 -35.12 -16.71
C ASP A 467 -2.99 -33.68 -16.32
N GLY A 468 -3.98 -32.93 -15.81
CA GLY A 468 -3.75 -31.58 -15.33
C GLY A 468 -3.91 -30.52 -16.40
N LYS A 469 -4.29 -30.94 -17.60
CA LYS A 469 -4.42 -30.02 -18.72
C LYS A 469 -5.82 -29.45 -18.87
N ALA A 470 -5.90 -28.20 -19.34
CA ALA A 470 -7.16 -27.52 -19.51
C ALA A 470 -7.08 -26.54 -20.66
N HIS A 471 -8.21 -26.40 -21.36
CA HIS A 471 -8.28 -25.47 -22.47
C HIS A 471 -8.69 -24.08 -22.00
N PHE A 472 -7.98 -23.06 -22.52
CA PHE A 472 -8.33 -21.67 -22.23
C PHE A 472 -8.53 -20.93 -23.52
N SER A 473 -9.59 -20.12 -23.56
CA SER A 473 -9.86 -19.23 -24.67
C SER A 473 -10.11 -17.82 -24.13
N ILE A 474 -9.26 -16.88 -24.50
CA ILE A 474 -9.44 -15.48 -24.10
C ILE A 474 -9.31 -14.59 -25.31
N SER A 475 -10.41 -13.98 -25.70
CA SER A 475 -10.37 -12.97 -26.74
C SER A 475 -9.53 -11.75 -26.32
N ASN A 476 -8.89 -11.11 -27.28
CA ASN A 476 -8.13 -9.89 -27.00
C ASN A 476 -9.05 -8.72 -26.71
N SER A 477 -10.32 -8.90 -27.04
CA SER A 477 -11.31 -7.86 -26.79
C SER A 477 -12.09 -8.15 -25.48
N ALA A 478 -11.68 -9.19 -24.76
CA ALA A 478 -12.22 -9.47 -23.43
C ALA A 478 -12.09 -8.26 -22.50
N GLU A 479 -13.17 -7.95 -21.78
CA GLU A 479 -13.14 -6.89 -20.77
C GLU A 479 -12.10 -7.16 -19.66
N ASP A 480 -11.99 -8.40 -19.21
CA ASP A 480 -10.88 -8.85 -18.35
C ASP A 480 -10.17 -10.00 -19.06
N PRO A 481 -9.08 -9.69 -19.77
CA PRO A 481 -8.40 -10.70 -20.57
C PRO A 481 -7.50 -11.64 -19.76
N PHE A 482 -7.95 -12.09 -18.59
CA PHE A 482 -7.20 -13.07 -17.83
C PHE A 482 -8.14 -13.92 -17.01
N ILE A 483 -7.70 -15.15 -16.75
CA ILE A 483 -8.44 -16.16 -16.00
C ILE A 483 -7.57 -16.73 -14.88
N ALA A 484 -8.18 -17.03 -13.74
CA ALA A 484 -7.44 -17.57 -12.60
C ALA A 484 -8.29 -18.62 -11.92
N ILE A 485 -7.70 -19.77 -11.61
CA ILE A 485 -8.41 -20.82 -10.89
C ILE A 485 -7.53 -21.34 -9.76
N HIS A 486 -8.14 -21.83 -8.68
CA HIS A 486 -7.36 -22.36 -7.56
C HIS A 486 -8.12 -23.43 -6.80
N ALA A 487 -7.44 -24.03 -5.83
CA ALA A 487 -7.95 -25.17 -5.08
C ALA A 487 -9.30 -24.92 -4.44
N GLU A 488 -9.59 -23.69 -4.03
CA GLU A 488 -10.88 -23.40 -3.39
C GLU A 488 -11.94 -22.87 -4.38
N SER A 489 -11.61 -22.78 -5.65
CA SER A 489 -12.62 -22.43 -6.67
C SER A 489 -13.10 -23.68 -7.43
N LYS A 490 -12.57 -24.83 -7.04
CA LYS A 490 -12.99 -26.13 -7.56
C LYS A 490 -14.40 -26.52 -7.07
N LEU A 491 -15.27 -26.90 -8.01
CA LEU A 491 -16.60 -27.44 -7.68
C LEU A 491 -16.46 -28.86 -7.11
#